data_3F67
#
_entry.id   3F67
#
_cell.length_a   106.385
_cell.length_b   106.385
_cell.length_c   53.581
_cell.angle_alpha   90.00
_cell.angle_beta   90.00
_cell.angle_gamma   90.00
#
_symmetry.space_group_name_H-M   'P 41 21 2'
#
loop_
_entity.id
_entity.type
_entity.pdbx_description
1 polymer 'Putative dienelactone hydrolase'
2 non-polymer 1,2-ETHANEDIOL
3 non-polymer 'FORMIC ACID'
4 non-polymer 'ACETIC ACID'
5 water water
#
_entity_poly.entity_id   1
_entity_poly.type   'polypeptide(L)'
_entity_poly.pdbx_seq_one_letter_code
;SNAIIAGETSIPSQGEN(MSE)PAYHARPKNADGPLPIVIVVQEIFGVHEHIRDLCRRLAQEGYLAIAPELYFRQGDPNE
YHDIPTLFKELVSKVPDAQVLADLDHVASWAARHGGDAHRLLITGFCWGGRITWLYAAHNPQLKAAVAWYGKLVGEKSLN
SPKHPVDIAVDLNAPVLGLYGAKDASIPQDTVET(MSE)RQALRAANATAEIVVYPEADHAFNADYRASYHEESAKDGWQ
R(MSE)LAWFAQY
;
_entity_poly.pdbx_strand_id   A
#
loop_
_chem_comp.id
_chem_comp.type
_chem_comp.name
_chem_comp.formula
ACY non-polymer 'ACETIC ACID' 'C2 H4 O2'
EDO non-polymer 1,2-ETHANEDIOL 'C2 H6 O2'
FMT non-polymer 'FORMIC ACID' 'C H2 O2'
#
# COMPACT_ATOMS: atom_id res chain seq x y z
N ASN A 2 1.87 4.02 23.75
CA ASN A 2 0.58 4.67 23.36
C ASN A 2 -0.44 3.57 23.14
N ALA A 3 -1.51 3.56 23.95
CA ALA A 3 -2.51 2.49 23.91
C ALA A 3 -3.28 2.49 22.58
N ILE A 4 -3.54 1.30 22.05
CA ILE A 4 -4.28 1.18 20.80
C ILE A 4 -5.49 0.24 20.96
N ILE A 5 -6.39 0.29 19.99
N ILE A 5 -6.44 0.35 20.03
CA ILE A 5 -7.50 -0.65 19.93
CA ILE A 5 -7.59 -0.57 19.89
C ILE A 5 -7.69 -1.12 18.49
C ILE A 5 -7.56 -1.14 18.48
N ALA A 6 -7.90 -2.42 18.35
CA ALA A 6 -7.89 -3.05 17.06
C ALA A 6 -9.10 -3.93 16.84
N GLY A 7 -9.43 -4.21 15.58
CA GLY A 7 -10.62 -5.00 15.33
C GLY A 7 -10.66 -5.49 13.90
N GLU A 8 -11.63 -6.38 13.64
N GLU A 8 -11.63 -6.37 13.64
CA GLU A 8 -11.93 -6.83 12.29
CA GLU A 8 -11.93 -6.79 12.30
C GLU A 8 -13.32 -6.36 11.97
C GLU A 8 -13.31 -6.29 11.99
N THR A 9 -13.49 -5.86 10.76
CA THR A 9 -14.77 -5.33 10.32
C THR A 9 -14.99 -5.76 8.87
N SER A 10 -16.18 -5.48 8.36
N SER A 10 -16.16 -5.45 8.33
CA SER A 10 -16.44 -5.61 6.95
CA SER A 10 -16.38 -5.65 6.92
C SER A 10 -16.45 -4.19 6.47
C SER A 10 -16.75 -4.33 6.28
N ILE A 11 -16.02 -4.01 5.23
CA ILE A 11 -16.17 -2.73 4.57
C ILE A 11 -17.11 -2.93 3.40
N PRO A 12 -18.21 -2.17 3.37
CA PRO A 12 -19.16 -2.33 2.27
C PRO A 12 -18.48 -1.88 0.97
N SER A 13 -18.51 -2.70 -0.08
CA SER A 13 -17.67 -2.37 -1.23
C SER A 13 -18.19 -2.94 -2.53
N GLN A 14 -18.57 -2.03 -3.43
CA GLN A 14 -19.15 -2.40 -4.73
C GLN A 14 -20.26 -3.49 -4.58
N GLY A 15 -21.06 -3.40 -3.50
CA GLY A 15 -22.13 -4.36 -3.21
C GLY A 15 -21.83 -5.62 -2.38
N GLU A 16 -20.58 -5.74 -1.93
N GLU A 16 -20.58 -5.82 -1.97
CA GLU A 16 -20.12 -6.92 -1.19
CA GLU A 16 -20.31 -6.97 -1.09
C GLU A 16 -19.34 -6.50 0.03
C GLU A 16 -19.69 -6.48 0.18
N ASN A 17 -19.23 -7.40 1.00
CA ASN A 17 -18.60 -7.07 2.27
C ASN A 17 -17.16 -7.56 2.29
N MSE A 18 -16.25 -6.62 2.26
CA MSE A 18 -14.82 -6.93 2.21
C MSE A 18 -14.24 -6.94 3.63
O MSE A 18 -14.35 -5.94 4.35
CB MSE A 18 -14.09 -5.84 1.42
CG MSE A 18 -12.56 -6.09 1.37
SE MSE A 18 -11.80 -4.89 0.00
CE MSE A 18 -12.40 -3.21 0.78
N PRO A 19 -13.65 -8.07 4.04
CA PRO A 19 -13.03 -8.09 5.38
C PRO A 19 -11.89 -7.11 5.45
N ALA A 20 -11.69 -6.55 6.64
CA ALA A 20 -10.54 -5.65 6.87
C ALA A 20 -10.15 -5.65 8.31
N TYR A 21 -8.88 -5.39 8.54
CA TYR A 21 -8.39 -5.25 9.92
C TYR A 21 -8.16 -3.77 10.14
N HIS A 22 -8.41 -3.28 11.34
CA HIS A 22 -8.15 -1.86 11.63
C HIS A 22 -7.58 -1.67 13.02
N ALA A 23 -6.75 -0.65 13.17
CA ALA A 23 -6.14 -0.33 14.47
C ALA A 23 -6.12 1.17 14.59
N ARG A 24 -6.23 1.67 15.83
CA ARG A 24 -6.19 3.12 16.03
C ARG A 24 -5.78 3.43 17.46
N PRO A 25 -5.35 4.67 17.73
CA PRO A 25 -5.12 5.05 19.13
C PRO A 25 -6.39 4.96 19.98
N LYS A 26 -6.21 4.62 21.25
N LYS A 26 -6.25 4.40 21.19
CA LYS A 26 -7.33 4.49 22.19
CA LYS A 26 -7.39 4.10 22.03
C LYS A 26 -8.19 5.74 22.46
C LYS A 26 -7.98 5.42 22.51
N ASN A 27 -7.66 6.85 22.95
N ASN A 27 -7.19 6.50 22.38
CA ASN A 27 -8.64 7.84 23.45
CA ASN A 27 -7.68 7.85 22.68
C ASN A 27 -8.80 9.05 22.57
C ASN A 27 -7.65 8.85 21.51
N ALA A 28 -8.87 8.79 21.26
N ALA A 28 -8.65 8.81 20.62
CA ALA A 28 -8.74 9.82 20.22
CA ALA A 28 -8.81 9.86 19.62
C ALA A 28 -9.57 11.07 20.47
C ALA A 28 -9.61 11.04 20.18
N ASP A 29 -8.98 12.22 20.15
CA ASP A 29 -9.61 13.54 20.41
C ASP A 29 -10.73 13.89 19.45
N GLY A 30 -10.61 13.39 18.23
CA GLY A 30 -11.52 13.73 17.14
C GLY A 30 -11.15 12.84 15.97
N PRO A 31 -11.53 13.24 14.73
CA PRO A 31 -11.24 12.43 13.55
C PRO A 31 -9.74 12.26 13.35
N LEU A 32 -9.34 11.05 12.95
CA LEU A 32 -7.92 10.67 12.87
C LEU A 32 -7.42 10.74 11.45
N PRO A 33 -6.12 11.03 11.26
CA PRO A 33 -5.54 10.77 9.92
C PRO A 33 -5.63 9.27 9.62
N ILE A 34 -5.88 8.93 8.36
CA ILE A 34 -6.13 7.55 7.96
C ILE A 34 -4.94 7.04 7.16
N VAL A 35 -4.43 5.85 7.50
CA VAL A 35 -3.46 5.22 6.59
C VAL A 35 -4.10 3.91 6.09
N ILE A 36 -4.40 3.87 4.80
CA ILE A 36 -4.81 2.58 4.19
C ILE A 36 -3.51 1.77 4.00
N VAL A 37 -3.49 0.51 4.41
CA VAL A 37 -2.28 -0.31 4.35
C VAL A 37 -2.54 -1.38 3.30
N VAL A 38 -1.72 -1.41 2.24
CA VAL A 38 -1.98 -2.39 1.15
C VAL A 38 -1.05 -3.58 1.26
N GLN A 39 -1.67 -4.77 1.38
CA GLN A 39 -0.99 -6.07 1.53
C GLN A 39 0.04 -6.39 0.43
N GLU A 40 0.94 -7.36 0.73
CA GLU A 40 1.68 -8.09 -0.30
C GLU A 40 0.74 -9.15 -0.90
N ILE A 41 1.27 -10.07 -1.71
CA ILE A 41 0.43 -11.12 -2.29
C ILE A 41 -0.13 -12.13 -1.25
N PHE A 42 0.31 -12.00 0.00
CA PHE A 42 -0.06 -12.97 1.03
C PHE A 42 -1.33 -12.62 1.76
N GLY A 43 -1.93 -11.50 1.37
CA GLY A 43 -3.18 -11.05 1.99
C GLY A 43 -2.94 -10.37 3.32
N VAL A 44 -4.00 -10.27 4.14
CA VAL A 44 -3.85 -9.51 5.42
C VAL A 44 -3.27 -10.48 6.45
N HIS A 45 -1.99 -10.76 6.25
CA HIS A 45 -1.18 -11.74 7.03
C HIS A 45 -1.00 -11.12 8.43
N GLU A 46 -0.60 -11.94 9.42
CA GLU A 46 -0.24 -11.40 10.74
C GLU A 46 0.73 -10.22 10.66
N HIS A 47 1.68 -10.29 9.74
CA HIS A 47 2.69 -9.21 9.59
C HIS A 47 1.95 -7.89 9.23
N ILE A 48 0.97 -7.96 8.32
CA ILE A 48 0.26 -6.74 7.91
C ILE A 48 -0.55 -6.18 9.11
N ARG A 49 -1.15 -7.06 9.88
N ARG A 49 -1.17 -7.07 9.88
CA ARG A 49 -1.87 -6.66 11.10
CA ARG A 49 -1.86 -6.65 11.11
C ARG A 49 -0.94 -5.98 12.12
C ARG A 49 -0.91 -5.93 12.06
N ASP A 50 0.27 -6.53 12.27
CA ASP A 50 1.34 -5.91 13.10
C ASP A 50 1.66 -4.48 12.60
N LEU A 51 1.83 -4.31 11.28
CA LEU A 51 2.08 -3.00 10.73
C LEU A 51 0.94 -2.01 11.03
N CYS A 52 -0.33 -2.45 10.95
CA CYS A 52 -1.46 -1.56 11.25
C CYS A 52 -1.36 -1.12 12.71
N ARG A 53 -1.02 -2.08 13.59
CA ARG A 53 -0.89 -1.74 15.01
C ARG A 53 0.28 -0.75 15.25
N ARG A 54 1.40 -0.93 14.53
CA ARG A 54 2.54 -0.02 14.65
C ARG A 54 2.18 1.39 14.18
N LEU A 55 1.38 1.47 13.13
CA LEU A 55 0.90 2.80 12.66
C LEU A 55 -0.06 3.44 13.66
N ALA A 56 -0.91 2.63 14.28
CA ALA A 56 -1.84 3.15 15.29
C ALA A 56 -1.09 3.71 16.52
N GLN A 57 0.06 3.12 16.86
CA GLN A 57 0.89 3.62 17.96
C GLN A 57 1.44 5.00 17.63
N GLU A 58 1.48 5.34 16.34
CA GLU A 58 1.94 6.69 15.92
C GLU A 58 0.83 7.70 15.79
N GLY A 59 -0.42 7.25 15.97
CA GLY A 59 -1.57 8.16 15.96
C GLY A 59 -2.51 8.05 14.78
N TYR A 60 -2.30 7.02 13.93
CA TYR A 60 -3.10 6.84 12.72
C TYR A 60 -4.23 5.80 12.92
N LEU A 61 -5.34 6.01 12.20
CA LEU A 61 -6.35 4.95 11.96
C LEU A 61 -5.82 4.18 10.76
N ALA A 62 -5.28 2.99 11.01
CA ALA A 62 -4.67 2.21 9.93
C ALA A 62 -5.59 1.07 9.57
N ILE A 63 -5.83 0.90 8.30
CA ILE A 63 -6.87 -0.09 7.83
C ILE A 63 -6.28 -0.94 6.72
N ALA A 64 -6.30 -2.27 6.89
CA ALA A 64 -5.77 -3.16 5.84
C ALA A 64 -6.94 -4.02 5.31
N PRO A 65 -7.38 -3.74 4.08
CA PRO A 65 -8.46 -4.55 3.46
C PRO A 65 -7.94 -5.86 2.83
N GLU A 66 -8.80 -6.88 2.88
N GLU A 66 -8.75 -6.92 2.92
CA GLU A 66 -8.57 -8.16 2.27
CA GLU A 66 -8.42 -8.18 2.27
C GLU A 66 -8.92 -8.02 0.79
C GLU A 66 -8.88 -8.06 0.81
N LEU A 67 -8.01 -7.46 0.00
CA LEU A 67 -8.37 -7.08 -1.40
C LEU A 67 -8.67 -8.25 -2.33
N TYR A 68 -8.19 -9.46 -1.99
CA TYR A 68 -8.38 -10.60 -2.91
C TYR A 68 -9.70 -11.35 -2.65
N PHE A 69 -10.53 -10.87 -1.72
CA PHE A 69 -11.62 -11.73 -1.14
C PHE A 69 -12.59 -12.34 -2.17
N ARG A 70 -12.83 -11.66 -3.28
CA ARG A 70 -13.79 -12.15 -4.29
C ARG A 70 -13.17 -13.25 -5.13
N GLN A 71 -11.86 -13.19 -5.32
CA GLN A 71 -11.15 -14.10 -6.22
C GLN A 71 -10.65 -15.34 -5.48
N GLY A 72 -10.23 -15.21 -4.23
CA GLY A 72 -9.74 -16.39 -3.50
C GLY A 72 -8.95 -16.05 -2.25
N ASP A 73 -8.41 -17.09 -1.62
CA ASP A 73 -7.74 -16.96 -0.35
C ASP A 73 -6.26 -17.32 -0.54
N PRO A 74 -5.34 -16.38 -0.32
CA PRO A 74 -3.91 -16.64 -0.52
C PRO A 74 -3.40 -17.79 0.34
N ASN A 75 -4.04 -18.02 1.48
CA ASN A 75 -3.71 -19.18 2.32
C ASN A 75 -3.97 -20.56 1.72
N GLU A 76 -4.73 -20.61 0.62
CA GLU A 76 -4.90 -21.85 -0.12
C GLU A 76 -3.78 -22.19 -1.10
N TYR A 77 -2.71 -21.38 -1.13
CA TYR A 77 -1.59 -21.66 -2.01
C TYR A 77 -0.34 -21.85 -1.19
N HIS A 78 0.55 -22.72 -1.65
CA HIS A 78 1.78 -22.98 -0.89
C HIS A 78 3.04 -22.80 -1.73
N ASP A 79 2.88 -22.24 -2.91
CA ASP A 79 4.04 -21.81 -3.68
C ASP A 79 3.70 -20.51 -4.39
N ILE A 80 4.70 -19.64 -4.45
CA ILE A 80 4.49 -18.29 -4.98
C ILE A 80 4.02 -18.32 -6.45
N PRO A 81 4.64 -19.15 -7.29
CA PRO A 81 4.19 -19.11 -8.69
C PRO A 81 2.71 -19.45 -8.89
N THR A 82 2.20 -20.46 -8.17
CA THR A 82 0.79 -20.84 -8.29
C THR A 82 -0.12 -19.74 -7.72
N LEU A 83 0.29 -19.17 -6.61
CA LEU A 83 -0.44 -18.04 -6.02
C LEU A 83 -0.54 -16.91 -7.04
N PHE A 84 0.57 -16.57 -7.67
N PHE A 84 0.57 -16.56 -7.67
CA PHE A 84 0.56 -15.52 -8.70
CA PHE A 84 0.53 -15.46 -8.64
C PHE A 84 -0.36 -15.84 -9.85
C PHE A 84 -0.32 -15.80 -9.88
N LYS A 85 -0.17 -17.01 -10.42
CA LYS A 85 -0.93 -17.45 -11.61
C LYS A 85 -2.44 -17.61 -11.39
N GLU A 86 -2.81 -18.27 -10.29
CA GLU A 86 -4.20 -18.66 -10.08
C GLU A 86 -5.03 -17.63 -9.28
N LEU A 87 -4.35 -16.74 -8.58
CA LEU A 87 -5.07 -15.74 -7.78
C LEU A 87 -4.64 -14.30 -8.09
N VAL A 88 -3.39 -13.94 -7.83
CA VAL A 88 -2.99 -12.53 -7.95
C VAL A 88 -3.31 -11.96 -9.34
N SER A 89 -3.04 -12.76 -10.37
N SER A 89 -3.01 -12.73 -10.38
CA SER A 89 -3.14 -12.33 -11.77
CA SER A 89 -3.14 -12.25 -11.75
C SER A 89 -4.61 -12.29 -12.23
C SER A 89 -4.61 -12.08 -12.14
N LYS A 90 -5.51 -12.64 -11.31
CA LYS A 90 -6.93 -12.59 -11.59
C LYS A 90 -7.65 -11.46 -10.87
N VAL A 91 -6.91 -10.65 -10.12
CA VAL A 91 -7.47 -9.54 -9.34
C VAL A 91 -7.24 -8.26 -10.19
N PRO A 92 -8.30 -7.65 -10.74
CA PRO A 92 -8.08 -6.53 -11.68
C PRO A 92 -7.67 -5.27 -10.92
N ASP A 93 -6.71 -4.52 -11.48
CA ASP A 93 -6.33 -3.24 -10.82
C ASP A 93 -7.54 -2.32 -10.58
N ALA A 94 -8.44 -2.24 -11.57
CA ALA A 94 -9.60 -1.32 -11.48
C ALA A 94 -10.46 -1.64 -10.24
N GLN A 95 -10.64 -2.93 -10.00
CA GLN A 95 -11.35 -3.42 -8.83
C GLN A 95 -10.66 -2.99 -7.54
N VAL A 96 -9.33 -3.14 -7.52
CA VAL A 96 -8.53 -2.82 -6.33
C VAL A 96 -8.68 -1.33 -6.01
N LEU A 97 -8.55 -0.49 -7.03
CA LEU A 97 -8.58 0.96 -6.76
C LEU A 97 -9.98 1.37 -6.25
N ALA A 98 -11.01 0.77 -6.82
CA ALA A 98 -12.38 1.06 -6.37
C ALA A 98 -12.59 0.56 -4.92
N ASP A 99 -12.02 -0.59 -4.59
CA ASP A 99 -12.12 -1.09 -3.21
C ASP A 99 -11.39 -0.13 -2.26
N LEU A 100 -10.23 0.39 -2.65
CA LEU A 100 -9.54 1.33 -1.77
C LEU A 100 -10.39 2.58 -1.55
N ASP A 101 -11.06 3.05 -2.60
CA ASP A 101 -12.02 4.18 -2.43
C ASP A 101 -13.08 3.83 -1.39
N HIS A 102 -13.56 2.57 -1.40
CA HIS A 102 -14.59 2.20 -0.41
C HIS A 102 -14.04 2.15 1.02
N VAL A 103 -12.77 1.78 1.14
CA VAL A 103 -12.14 1.80 2.46
C VAL A 103 -12.11 3.28 2.96
N ALA A 104 -11.72 4.21 2.08
CA ALA A 104 -11.61 5.63 2.44
C ALA A 104 -13.01 6.13 2.86
N SER A 105 -14.03 5.70 2.13
N SER A 105 -14.02 5.68 2.13
CA SER A 105 -15.42 6.12 2.42
CA SER A 105 -15.40 6.09 2.40
C SER A 105 -15.86 5.62 3.79
C SER A 105 -15.82 5.63 3.79
N TRP A 106 -15.56 4.36 4.07
CA TRP A 106 -15.93 3.75 5.36
C TRP A 106 -15.16 4.47 6.46
N ALA A 107 -13.88 4.75 6.22
CA ALA A 107 -13.03 5.34 7.26
C ALA A 107 -13.57 6.68 7.75
N ALA A 108 -14.08 7.49 6.83
CA ALA A 108 -14.59 8.82 7.19
C ALA A 108 -15.84 8.78 8.09
N ARG A 109 -16.55 7.64 8.14
CA ARG A 109 -17.72 7.46 9.01
C ARG A 109 -17.40 6.60 10.24
N HIS A 110 -16.13 6.17 10.35
CA HIS A 110 -15.70 5.28 11.47
C HIS A 110 -14.43 5.71 12.17
N GLY A 111 -14.24 7.02 12.25
CA GLY A 111 -13.24 7.60 13.12
C GLY A 111 -12.14 8.32 12.40
N GLY A 112 -12.19 8.27 11.07
CA GLY A 112 -11.14 8.94 10.28
C GLY A 112 -11.62 10.28 9.77
N ASP A 113 -10.65 11.10 9.40
CA ASP A 113 -10.87 12.41 8.78
C ASP A 113 -10.69 12.27 7.25
N ALA A 114 -11.79 12.53 6.52
CA ALA A 114 -11.80 12.48 5.04
C ALA A 114 -10.73 13.37 4.42
N HIS A 115 -10.32 14.41 5.13
CA HIS A 115 -9.34 15.36 4.61
C HIS A 115 -7.90 14.98 4.93
N ARG A 116 -7.70 13.79 5.50
CA ARG A 116 -6.36 13.37 5.95
C ARG A 116 -6.13 11.92 5.53
N LEU A 117 -6.32 11.68 4.24
CA LEU A 117 -6.16 10.31 3.72
C LEU A 117 -4.76 10.06 3.22
N LEU A 118 -4.21 8.94 3.68
CA LEU A 118 -2.80 8.55 3.37
C LEU A 118 -2.81 7.08 2.97
N ILE A 119 -1.76 6.60 2.28
CA ILE A 119 -1.71 5.19 1.96
C ILE A 119 -0.26 4.71 1.96
N THR A 120 -0.05 3.49 2.40
CA THR A 120 1.26 2.84 2.23
C THR A 120 1.03 1.39 1.83
N GLY A 121 1.97 0.83 1.10
CA GLY A 121 1.76 -0.55 0.62
C GLY A 121 3.08 -1.20 0.30
N PHE A 122 3.10 -2.54 0.30
CA PHE A 122 4.35 -3.30 0.25
C PHE A 122 4.29 -4.30 -0.88
N CYS A 123 5.36 -4.32 -1.68
N CYS A 123 5.38 -4.39 -1.66
CA CYS A 123 5.51 -5.35 -2.69
CA CYS A 123 5.52 -5.34 -2.79
C CYS A 123 4.40 -5.20 -3.75
C CYS A 123 4.39 -5.19 -3.79
N TRP A 124 3.54 -6.21 -3.92
CA TRP A 124 2.34 -6.06 -4.80
C TRP A 124 1.59 -4.75 -4.42
N GLY A 125 1.47 -4.53 -3.12
CA GLY A 125 0.81 -3.36 -2.56
C GLY A 125 1.52 -2.03 -2.80
N GLY A 126 2.84 -2.09 -3.02
CA GLY A 126 3.62 -0.89 -3.32
C GLY A 126 3.33 -0.44 -4.75
N ARG A 127 3.11 -1.40 -5.67
CA ARG A 127 2.71 -0.99 -7.01
C ARG A 127 1.32 -0.34 -6.98
N ILE A 128 0.41 -0.99 -6.26
CA ILE A 128 -0.96 -0.46 -6.10
C ILE A 128 -0.94 0.94 -5.50
N THR A 129 -0.03 1.15 -4.54
CA THR A 129 0.15 2.45 -3.93
C THR A 129 0.40 3.56 -4.98
N TRP A 130 1.35 3.32 -5.91
CA TRP A 130 1.57 4.30 -6.98
C TRP A 130 0.30 4.53 -7.79
N LEU A 131 -0.34 3.44 -8.19
CA LEU A 131 -1.57 3.57 -8.98
C LEU A 131 -2.63 4.40 -8.26
N TYR A 132 -2.82 4.12 -6.96
CA TYR A 132 -3.86 4.82 -6.19
C TYR A 132 -3.58 6.32 -6.08
N ALA A 133 -2.28 6.67 -6.01
CA ALA A 133 -1.90 8.07 -5.98
C ALA A 133 -2.26 8.83 -7.28
N ALA A 134 -2.42 8.11 -8.39
CA ALA A 134 -2.91 8.72 -9.63
C ALA A 134 -4.43 8.53 -9.81
N HIS A 135 -5.06 7.91 -8.84
CA HIS A 135 -6.50 7.60 -8.97
C HIS A 135 -7.39 8.52 -8.13
N ASN A 136 -7.03 8.71 -6.86
CA ASN A 136 -7.88 9.42 -5.90
C ASN A 136 -7.35 10.83 -5.69
N PRO A 137 -8.05 11.85 -6.21
CA PRO A 137 -7.52 13.22 -6.10
C PRO A 137 -7.50 13.75 -4.65
N GLN A 138 -8.26 13.09 -3.78
N GLN A 138 -8.22 13.11 -3.74
CA GLN A 138 -8.38 13.47 -2.35
CA GLN A 138 -8.25 13.59 -2.36
C GLN A 138 -7.16 12.99 -1.55
C GLN A 138 -7.24 12.86 -1.48
N LEU A 139 -6.41 12.02 -2.09
CA LEU A 139 -5.30 11.41 -1.35
C LEU A 139 -4.25 12.48 -1.01
N LYS A 140 -3.76 12.52 0.23
CA LYS A 140 -2.79 13.55 0.61
C LYS A 140 -1.34 13.14 0.41
N ALA A 141 -1.03 11.87 0.60
CA ALA A 141 0.35 11.40 0.38
C ALA A 141 0.39 9.89 0.36
N ALA A 142 1.50 9.36 -0.18
CA ALA A 142 1.62 7.90 -0.37
C ALA A 142 3.07 7.49 -0.18
N VAL A 143 3.26 6.30 0.40
CA VAL A 143 4.59 5.68 0.55
C VAL A 143 4.54 4.26 0.00
N ALA A 144 5.31 4.03 -1.08
CA ALA A 144 5.26 2.73 -1.80
C ALA A 144 6.56 2.01 -1.46
N TRP A 145 6.46 0.79 -0.92
CA TRP A 145 7.65 0.01 -0.63
C TRP A 145 7.84 -1.06 -1.70
N TYR A 146 8.95 -0.97 -2.41
CA TYR A 146 9.40 -1.95 -3.43
C TYR A 146 8.24 -2.52 -4.25
N GLY A 147 7.52 -1.62 -4.91
CA GLY A 147 6.45 -1.95 -5.86
C GLY A 147 7.01 -1.94 -7.28
N LYS A 148 6.68 -2.97 -8.07
N LYS A 148 6.70 -2.97 -8.07
CA LYS A 148 7.08 -3.04 -9.48
CA LYS A 148 7.15 -3.05 -9.47
C LYS A 148 6.71 -1.78 -10.23
C LYS A 148 6.72 -1.80 -10.24
N LEU A 149 7.66 -1.25 -11.02
CA LEU A 149 7.48 0.04 -11.71
C LEU A 149 7.17 -0.04 -13.20
N VAL A 150 7.73 -1.06 -13.83
CA VAL A 150 7.59 -1.28 -15.28
C VAL A 150 7.26 -2.75 -15.44
N GLY A 151 6.60 -3.07 -16.54
CA GLY A 151 6.14 -4.42 -16.68
C GLY A 151 5.50 -4.58 -18.05
N GLU A 152 5.24 -5.80 -18.40
CA GLU A 152 4.39 -6.05 -19.56
C GLU A 152 2.96 -5.85 -19.05
N LYS A 153 2.07 -5.53 -19.96
CA LYS A 153 0.70 -5.23 -19.59
C LYS A 153 -0.17 -6.43 -19.75
N SER A 154 -1.32 -6.39 -19.09
CA SER A 154 -2.35 -7.40 -19.28
C SER A 154 -3.68 -6.67 -19.15
N LEU A 155 -4.78 -7.36 -19.46
N LEU A 155 -4.77 -7.33 -19.55
CA LEU A 155 -6.11 -6.78 -19.26
CA LEU A 155 -6.11 -6.73 -19.48
C LEU A 155 -6.41 -6.57 -17.77
C LEU A 155 -6.38 -6.21 -18.08
N ASN A 156 -5.95 -7.47 -16.90
N ASN A 156 -6.19 -7.05 -17.08
CA ASN A 156 -6.16 -7.19 -15.49
CA ASN A 156 -6.52 -6.57 -15.73
C ASN A 156 -5.36 -6.00 -14.95
C ASN A 156 -5.39 -5.84 -14.96
N SER A 157 -4.16 -5.85 -15.51
CA SER A 157 -3.17 -4.86 -15.05
C SER A 157 -2.66 -4.10 -16.29
N PRO A 158 -3.47 -3.18 -16.81
CA PRO A 158 -3.08 -2.51 -18.07
C PRO A 158 -2.11 -1.32 -17.95
N LYS A 159 -1.90 -0.78 -16.75
CA LYS A 159 -0.96 0.36 -16.58
C LYS A 159 -0.05 0.06 -15.43
N HIS A 160 1.22 0.50 -15.55
CA HIS A 160 2.18 0.39 -14.45
C HIS A 160 2.57 1.79 -13.98
N PRO A 161 3.26 1.88 -12.83
CA PRO A 161 3.59 3.18 -12.31
C PRO A 161 4.24 4.12 -13.34
N VAL A 162 5.09 3.58 -14.23
N VAL A 162 5.05 3.55 -14.25
CA VAL A 162 5.74 4.48 -15.21
CA VAL A 162 5.76 4.36 -15.24
C VAL A 162 4.69 5.18 -16.05
C VAL A 162 4.80 5.02 -16.22
N ASP A 163 3.57 4.49 -16.32
CA ASP A 163 2.49 5.05 -17.22
C ASP A 163 1.63 6.13 -16.56
N ILE A 164 1.57 6.13 -15.23
CA ILE A 164 0.65 7.01 -14.53
C ILE A 164 1.32 8.13 -13.81
N ALA A 165 2.66 8.18 -13.90
CA ALA A 165 3.42 9.25 -13.25
C ALA A 165 2.80 10.59 -13.63
N VAL A 166 2.40 10.67 -14.90
CA VAL A 166 1.76 11.84 -15.40
C VAL A 166 0.47 12.29 -14.68
N ASP A 167 -0.25 11.37 -14.02
CA ASP A 167 -1.58 11.61 -13.40
C ASP A 167 -1.49 11.62 -11.85
N LEU A 168 -0.27 11.53 -11.31
CA LEU A 168 -0.10 11.56 -9.84
C LEU A 168 -0.71 12.83 -9.19
N ASN A 169 -1.45 12.61 -8.11
N ASN A 169 -1.45 12.65 -8.10
CA ASN A 169 -2.27 13.62 -7.42
CA ASN A 169 -2.14 13.77 -7.46
C ASN A 169 -1.65 14.05 -6.09
C ASN A 169 -1.82 13.89 -5.98
N ALA A 170 -0.75 13.23 -5.56
CA ALA A 170 -0.24 13.31 -4.18
C ALA A 170 1.25 13.00 -4.20
N PRO A 171 2.02 13.58 -3.24
CA PRO A 171 3.45 13.26 -3.14
C PRO A 171 3.68 11.80 -2.79
N VAL A 172 4.55 11.11 -3.55
CA VAL A 172 4.80 9.69 -3.31
C VAL A 172 6.25 9.50 -2.99
N LEU A 173 6.50 8.82 -1.88
CA LEU A 173 7.89 8.42 -1.51
C LEU A 173 8.00 6.93 -1.83
N GLY A 174 9.04 6.53 -2.59
CA GLY A 174 9.26 5.09 -2.81
C GLY A 174 10.45 4.62 -1.98
N LEU A 175 10.33 3.44 -1.38
CA LEU A 175 11.45 2.88 -0.58
C LEU A 175 11.84 1.56 -1.25
N TYR A 176 13.05 1.53 -1.86
CA TYR A 176 13.43 0.46 -2.78
C TYR A 176 14.77 -0.15 -2.33
N GLY A 177 14.97 -1.43 -2.65
CA GLY A 177 16.24 -2.10 -2.30
C GLY A 177 17.16 -2.28 -3.53
N ALA A 178 18.40 -1.86 -3.39
CA ALA A 178 19.40 -2.01 -4.48
C ALA A 178 19.64 -3.46 -4.87
N LYS A 179 19.52 -4.39 -3.92
CA LYS A 179 19.77 -5.82 -4.20
C LYS A 179 18.55 -6.56 -4.71
N ASP A 180 17.44 -5.83 -4.93
CA ASP A 180 16.19 -6.43 -5.38
C ASP A 180 16.26 -6.77 -6.88
N ALA A 181 16.48 -8.06 -7.18
CA ALA A 181 16.59 -8.55 -8.56
C ALA A 181 15.26 -8.41 -9.29
N SER A 182 14.14 -8.44 -8.55
CA SER A 182 12.81 -8.32 -9.17
C SER A 182 12.50 -6.87 -9.61
N ILE A 183 13.24 -5.89 -9.09
CA ILE A 183 13.08 -4.47 -9.45
C ILE A 183 14.46 -3.88 -9.73
N PRO A 184 14.99 -4.13 -10.94
CA PRO A 184 16.33 -3.67 -11.23
C PRO A 184 16.46 -2.17 -11.24
N GLN A 185 17.66 -1.69 -10.98
CA GLN A 185 17.88 -0.26 -10.92
C GLN A 185 17.61 0.48 -12.25
N ASP A 186 17.72 -0.20 -13.38
N ASP A 186 17.72 -0.21 -13.38
CA ASP A 186 17.40 0.46 -14.65
CA ASP A 186 17.41 0.46 -14.64
C ASP A 186 15.92 0.89 -14.62
C ASP A 186 15.90 0.85 -14.68
N THR A 187 15.07 0.05 -14.01
CA THR A 187 13.61 0.35 -13.93
C THR A 187 13.33 1.52 -13.01
N VAL A 188 14.14 1.65 -11.95
CA VAL A 188 14.05 2.83 -11.08
C VAL A 188 14.42 4.09 -11.91
N GLU A 189 15.43 3.96 -12.77
CA GLU A 189 15.78 5.07 -13.66
C GLU A 189 14.63 5.44 -14.63
N THR A 190 14.00 4.42 -15.21
CA THR A 190 12.87 4.66 -16.10
C THR A 190 11.78 5.42 -15.34
N MSE A 191 11.53 5.01 -14.10
CA MSE A 191 10.51 5.68 -13.31
C MSE A 191 10.91 7.12 -12.97
O MSE A 191 10.07 8.04 -13.04
CB MSE A 191 10.23 4.89 -12.01
CG MSE A 191 9.15 5.54 -11.19
SE MSE A 191 7.39 5.41 -12.10
CE MSE A 191 6.26 5.98 -10.66
N ARG A 192 12.18 7.34 -12.64
CA ARG A 192 12.66 8.70 -12.39
C ARG A 192 12.52 9.58 -13.61
N GLN A 193 12.76 9.03 -14.81
CA GLN A 193 12.53 9.77 -16.03
C GLN A 193 11.06 10.14 -16.14
N ALA A 194 10.16 9.21 -15.82
CA ALA A 194 8.74 9.43 -15.97
C ALA A 194 8.30 10.53 -14.97
N LEU A 195 8.81 10.46 -13.76
CA LEU A 195 8.47 11.45 -12.70
C LEU A 195 8.99 12.87 -13.05
N ARG A 196 10.21 12.93 -13.57
CA ARG A 196 10.74 14.22 -14.01
C ARG A 196 9.93 14.81 -15.16
N ALA A 197 9.57 13.97 -16.14
CA ALA A 197 8.82 14.44 -17.32
C ALA A 197 7.45 14.98 -16.88
N ALA A 198 6.90 14.34 -15.84
CA ALA A 198 5.61 14.70 -15.27
C ALA A 198 5.66 15.90 -14.30
N ASN A 199 6.87 16.38 -13.99
N ASN A 199 6.85 16.32 -13.88
CA ASN A 199 7.17 17.23 -12.80
CA ASN A 199 7.00 17.33 -12.82
C ASN A 199 6.29 16.87 -11.61
C ASN A 199 6.39 16.90 -11.48
N ALA A 200 6.40 15.60 -11.21
CA ALA A 200 5.67 15.05 -10.08
C ALA A 200 6.44 15.37 -8.80
N THR A 201 5.74 15.51 -7.67
CA THR A 201 6.42 15.55 -6.36
C THR A 201 6.60 14.12 -5.89
N ALA A 202 7.82 13.61 -5.95
CA ALA A 202 8.08 12.22 -5.66
C ALA A 202 9.55 12.00 -5.54
N GLU A 203 9.95 11.01 -4.77
N GLU A 203 9.89 10.98 -4.74
CA GLU A 203 11.35 10.61 -4.78
CA GLU A 203 11.28 10.64 -4.37
C GLU A 203 11.35 9.15 -4.45
C GLU A 203 11.37 9.11 -4.29
N ILE A 204 12.40 8.49 -4.91
CA ILE A 204 12.66 7.08 -4.65
C ILE A 204 14.00 6.97 -3.90
N VAL A 205 13.95 6.40 -2.71
CA VAL A 205 15.14 6.17 -1.92
C VAL A 205 15.55 4.72 -2.14
N VAL A 206 16.82 4.51 -2.54
CA VAL A 206 17.32 3.16 -2.79
C VAL A 206 18.32 2.75 -1.70
N TYR A 207 18.02 1.67 -1.01
CA TYR A 207 18.87 1.16 0.09
C TYR A 207 19.92 0.19 -0.46
N PRO A 208 21.21 0.58 -0.37
CA PRO A 208 22.28 -0.24 -0.97
C PRO A 208 22.31 -1.70 -0.50
N GLU A 209 21.95 -1.96 0.74
CA GLU A 209 22.16 -3.31 1.27
C GLU A 209 20.90 -4.18 1.25
N ALA A 210 19.79 -3.61 0.79
CA ALA A 210 18.50 -4.27 0.97
C ALA A 210 18.03 -5.02 -0.26
N ASP A 211 17.35 -6.13 -0.04
CA ASP A 211 16.70 -6.89 -1.12
C ASP A 211 15.24 -6.48 -1.17
N HIS A 212 14.45 -7.17 -2.00
CA HIS A 212 12.99 -7.06 -1.97
C HIS A 212 12.48 -7.42 -0.57
N ALA A 213 11.38 -6.81 -0.15
CA ALA A 213 10.69 -7.21 1.09
C ALA A 213 11.59 -7.03 2.33
N PHE A 214 12.36 -5.95 2.30
CA PHE A 214 13.31 -5.75 3.41
C PHE A 214 12.68 -5.30 4.73
N ASN A 215 11.41 -4.88 4.67
CA ASN A 215 10.69 -4.59 5.89
C ASN A 215 9.97 -5.79 6.50
N ALA A 216 10.04 -6.96 5.85
CA ALA A 216 9.25 -8.12 6.32
C ALA A 216 10.02 -8.82 7.44
N ASP A 217 9.78 -8.36 8.66
CA ASP A 217 10.62 -8.73 9.80
C ASP A 217 10.53 -10.21 10.13
N TYR A 218 9.51 -10.90 9.61
CA TYR A 218 9.35 -12.35 9.88
C TYR A 218 10.06 -13.22 8.83
N ARG A 219 10.67 -12.61 7.81
CA ARG A 219 11.20 -13.35 6.66
C ARG A 219 12.68 -13.11 6.57
N ALA A 220 13.39 -13.99 5.86
CA ALA A 220 14.84 -13.88 5.72
C ALA A 220 15.31 -12.64 4.94
N SER A 221 14.43 -12.06 4.12
CA SER A 221 14.73 -10.84 3.36
C SER A 221 14.81 -9.55 4.23
N TYR A 222 14.41 -9.64 5.49
CA TYR A 222 14.45 -8.49 6.39
C TYR A 222 15.85 -7.88 6.45
N HIS A 223 15.93 -6.55 6.29
CA HIS A 223 17.20 -5.85 6.52
C HIS A 223 16.92 -4.77 7.56
N GLU A 224 17.30 -5.03 8.81
CA GLU A 224 16.86 -4.21 9.92
C GLU A 224 17.17 -2.71 9.76
N GLU A 225 18.42 -2.39 9.41
CA GLU A 225 18.84 -0.99 9.32
C GLU A 225 18.01 -0.23 8.25
N SER A 226 17.81 -0.87 7.09
CA SER A 226 16.99 -0.27 6.05
C SER A 226 15.52 -0.20 6.42
N ALA A 227 14.98 -1.25 7.04
CA ALA A 227 13.59 -1.26 7.45
C ALA A 227 13.30 -0.13 8.45
N LYS A 228 14.18 0.05 9.42
CA LYS A 228 13.97 1.08 10.44
C LYS A 228 14.11 2.47 9.85
N ASP A 229 15.11 2.67 8.99
CA ASP A 229 15.23 3.95 8.30
C ASP A 229 14.00 4.25 7.44
N GLY A 230 13.56 3.25 6.67
CA GLY A 230 12.37 3.42 5.80
C GLY A 230 11.13 3.76 6.60
N TRP A 231 10.97 3.10 7.74
CA TRP A 231 9.80 3.36 8.59
C TRP A 231 9.83 4.84 9.06
N GLN A 232 11.03 5.33 9.42
CA GLN A 232 11.12 6.73 9.87
C GLN A 232 10.89 7.68 8.71
N ARG A 233 11.36 7.31 7.52
CA ARG A 233 11.13 8.19 6.31
C ARG A 233 9.65 8.21 5.97
N MSE A 234 8.96 7.08 6.14
CA MSE A 234 7.50 7.05 5.90
C MSE A 234 6.76 7.99 6.86
O MSE A 234 5.92 8.81 6.46
CB MSE A 234 6.98 5.63 6.06
CG MSE A 234 5.45 5.51 5.89
SE MSE A 234 4.88 3.74 6.54
CE MSE A 234 5.27 4.03 8.40
N LEU A 235 7.05 7.84 8.16
CA LEU A 235 6.44 8.74 9.13
C LEU A 235 6.78 10.22 8.87
N ALA A 236 8.01 10.51 8.46
CA ALA A 236 8.39 11.91 8.13
C ALA A 236 7.58 12.44 6.94
N TRP A 237 7.31 11.56 5.96
CA TRP A 237 6.65 11.95 4.72
C TRP A 237 5.20 12.31 5.06
N PHE A 238 4.61 11.54 5.97
CA PHE A 238 3.20 11.71 6.38
C PHE A 238 2.98 12.81 7.42
N ALA A 239 4.07 13.27 8.01
CA ALA A 239 3.96 14.02 9.30
C ALA A 239 3.05 15.26 9.26
N GLN A 240 3.04 16.01 8.17
CA GLN A 240 2.27 17.26 8.14
C GLN A 240 0.79 17.08 7.89
N TYR A 241 0.41 15.90 7.42
CA TYR A 241 -0.97 15.67 6.88
C TYR A 241 -1.95 15.26 7.95
C1 EDO B . -8.31 -9.30 7.36
O1 EDO B . -8.56 -10.42 6.49
C2 EDO B . -9.63 -8.89 7.95
O2 EDO B . -10.03 -9.81 8.96
C FMT C . -0.20 11.70 13.40
O1 FMT C . 0.99 11.54 13.66
O2 FMT C . -0.63 12.73 12.88
C FMT D . 19.42 5.33 2.40
O1 FMT D . 19.73 5.98 3.43
O2 FMT D . 20.29 4.95 1.55
C ACY E . -19.36 7.90 0.50
O ACY E . -20.11 6.86 0.47
OXT ACY E . -19.22 8.61 1.50
CH3 ACY E . -18.56 8.29 -0.71
#